data_3NTN
#
_entry.id   3NTN
#
_cell.length_a   50.295
_cell.length_b   142.847
_cell.length_c   50.268
_cell.angle_alpha   90.000
_cell.angle_beta   119.960
_cell.angle_gamma   90.000
#
_symmetry.space_group_name_H-M   'P 1 21 1'
#
loop_
_entity.id
_entity.type
_entity.pdbx_description
1 polymer UspA1
2 non-polymer 'SULFATE ION'
3 non-polymer 'CHLORIDE ION'
4 non-polymer 'NICKEL (II) ION'
5 water water
#
_entity_poly.entity_id   1
_entity_poly.type   'polypeptide(L)'
_entity_poly.pdbx_seq_one_letter_code
;YNEATIENSTVGGGGYNQAKGRNSTVAGGYNNEATGTDSTIAGGRKNQATGKGSFAAGIDNKANADNAVALGNKNTIEGE
NSVAIGSNNTVKKGQQNVFILGSNTDTTNAQNGSVLLGHNTAGKAATIVNSAEVGGLSLTGFAGASKTGNGTVSVGKKGK
ERQIVHVGAGEISDTSTDAVNGSQLHALATVVAQNKADIKDLDDEVGLLGEEINKHHHHH
;
_entity_poly.pdbx_strand_id   A,B,C
#
# COMPACT_ATOMS: atom_id res chain seq x y z
N GLU A 7 30.91 25.83 -10.56
CA GLU A 7 30.37 26.72 -9.49
C GLU A 7 29.88 25.96 -8.22
N ASN A 8 30.74 25.90 -7.19
CA ASN A 8 30.64 24.90 -6.10
C ASN A 8 30.29 23.47 -6.55
N SER A 9 30.54 23.18 -7.83
CA SER A 9 30.33 21.85 -8.41
C SER A 9 31.51 20.86 -8.14
N THR A 10 31.18 19.57 -8.19
CA THR A 10 32.10 18.51 -7.82
C THR A 10 31.93 17.25 -8.72
N VAL A 11 33.05 16.84 -9.34
CA VAL A 11 33.31 15.48 -9.83
C VAL A 11 34.66 15.24 -9.17
N GLY A 12 34.79 14.33 -8.19
CA GLY A 12 34.15 13.05 -8.06
C GLY A 12 35.31 12.10 -8.41
N GLY A 13 35.26 11.62 -9.64
CA GLY A 13 36.15 10.58 -10.15
C GLY A 13 35.41 10.04 -11.36
N GLY A 14 35.90 8.95 -11.95
CA GLY A 14 35.29 8.37 -13.14
C GLY A 14 35.60 9.11 -14.45
N GLY A 15 34.99 8.64 -15.54
CA GLY A 15 35.20 9.26 -16.85
C GLY A 15 33.91 9.85 -17.40
N TYR A 16 34.08 10.93 -18.17
CA TYR A 16 33.00 11.69 -18.84
C TYR A 16 31.87 12.15 -17.93
N ASN A 17 32.20 12.42 -16.67
CA ASN A 17 31.22 12.92 -15.71
C ASN A 17 31.18 14.43 -15.76
N GLN A 18 30.01 15.03 -15.61
CA GLN A 18 29.88 16.47 -15.73
C GLN A 18 29.01 16.99 -14.60
N ALA A 19 29.50 17.94 -13.82
CA ALA A 19 28.67 18.57 -12.78
C ALA A 19 28.44 20.01 -13.23
N LYS A 20 27.53 20.21 -14.19
CA LYS A 20 27.34 21.55 -14.84
C LYS A 20 26.46 22.50 -14.02
N GLY A 21 25.65 21.94 -13.12
CA GLY A 21 24.70 22.72 -12.31
C GLY A 21 25.44 23.38 -11.16
N ARG A 22 25.01 24.57 -10.76
CA ARG A 22 25.50 25.18 -9.52
C ARG A 22 25.23 24.27 -8.29
N ASN A 23 26.23 24.11 -7.41
CA ASN A 23 26.22 23.15 -6.27
C ASN A 23 25.95 21.70 -6.67
N SER A 24 26.11 21.37 -7.94
CA SER A 24 25.80 19.98 -8.34
C SER A 24 26.99 19.04 -8.03
N THR A 25 26.71 17.75 -7.94
CA THR A 25 27.67 16.77 -7.52
C THR A 25 27.53 15.51 -8.40
N VAL A 26 28.61 15.06 -8.98
CA VAL A 26 28.65 13.67 -9.43
C VAL A 26 29.77 12.96 -8.64
N ALA A 27 29.44 11.98 -7.81
CA ALA A 27 30.49 11.37 -6.95
C ALA A 27 31.44 10.46 -7.73
N GLY A 28 31.01 9.97 -8.90
CA GLY A 28 31.84 9.04 -9.68
C GLY A 28 30.97 8.37 -10.71
N GLY A 29 31.46 7.21 -11.20
CA GLY A 29 30.89 6.47 -12.30
C GLY A 29 31.33 6.96 -13.67
N TYR A 30 30.52 6.62 -14.67
CA TYR A 30 30.85 6.90 -16.04
C TYR A 30 29.68 7.53 -16.78
N ASN A 31 29.93 8.61 -17.51
CA ASN A 31 28.91 9.28 -18.31
C ASN A 31 27.71 9.80 -17.49
N ASN A 32 28.01 10.36 -16.34
CA ASN A 32 26.99 10.98 -15.53
C ASN A 32 26.93 12.52 -15.71
N GLU A 33 25.74 13.07 -15.95
CA GLU A 33 25.57 14.49 -16.22
C GLU A 33 24.59 15.11 -15.23
N ALA A 34 25.08 15.92 -14.28
CA ALA A 34 24.21 16.59 -13.31
C ALA A 34 24.09 18.07 -13.63
N THR A 35 22.95 18.44 -14.16
CA THR A 35 22.79 19.74 -14.74
C THR A 35 22.00 20.73 -13.87
N GLY A 36 21.16 20.21 -12.99
CA GLY A 36 20.30 21.09 -12.21
C GLY A 36 21.04 21.70 -11.05
N THR A 37 20.58 22.86 -10.60
CA THR A 37 21.06 23.43 -9.37
C THR A 37 20.87 22.43 -8.22
N ASP A 38 21.89 22.25 -7.40
CA ASP A 38 21.79 21.34 -6.25
C ASP A 38 21.48 19.89 -6.68
N SER A 39 21.82 19.50 -7.92
CA SER A 39 21.53 18.12 -8.33
C SER A 39 22.62 17.16 -7.86
N THR A 40 22.31 15.88 -7.82
CA THR A 40 23.28 14.91 -7.33
C THR A 40 23.24 13.58 -8.07
N ILE A 41 24.39 13.09 -8.45
CA ILE A 41 24.43 11.73 -8.93
C ILE A 41 25.46 11.03 -8.08
N ALA A 42 25.00 10.00 -7.36
CA ALA A 42 25.82 9.29 -6.42
C ALA A 42 26.84 8.44 -7.20
N GLY A 43 26.46 7.97 -8.40
CA GLY A 43 27.33 7.05 -9.16
C GLY A 43 26.54 6.18 -10.12
N GLY A 44 27.22 5.22 -10.72
CA GLY A 44 26.64 4.38 -11.76
C GLY A 44 27.05 4.94 -13.11
N ARG A 45 26.15 4.82 -14.08
CA ARG A 45 26.50 4.97 -15.47
C ARG A 45 25.30 5.55 -16.22
N LYS A 46 25.55 6.55 -17.06
CA LYS A 46 24.59 7.06 -18.02
C LYS A 46 23.39 7.74 -17.32
N ASN A 47 23.64 8.32 -16.15
CA ASN A 47 22.59 9.02 -15.41
C ASN A 47 22.52 10.48 -15.78
N GLN A 48 21.31 11.04 -15.71
CA GLN A 48 21.10 12.48 -15.80
C GLN A 48 20.38 12.99 -14.57
N ALA A 49 20.63 14.25 -14.26
CA ALA A 49 19.87 14.88 -13.25
C ALA A 49 19.71 16.35 -13.57
N THR A 50 18.70 16.65 -14.38
CA THR A 50 18.46 18.02 -14.79
C THR A 50 17.60 18.79 -13.79
N GLY A 51 16.97 18.15 -12.82
CA GLY A 51 16.09 18.94 -11.94
C GLY A 51 16.77 19.64 -10.78
N LYS A 52 16.20 20.78 -10.35
CA LYS A 52 16.68 21.33 -9.07
C LYS A 52 16.55 20.32 -7.91
N GLY A 53 17.63 20.15 -7.14
CA GLY A 53 17.63 19.27 -5.96
C GLY A 53 17.36 17.80 -6.23
N SER A 54 17.59 17.39 -7.45
CA SER A 54 17.29 16.03 -7.89
C SER A 54 18.38 15.04 -7.47
N PHE A 55 18.10 13.75 -7.56
CA PHE A 55 19.03 12.76 -7.09
C PHE A 55 18.83 11.51 -7.94
N ALA A 56 19.91 10.97 -8.50
CA ALA A 56 19.88 9.71 -9.28
C ALA A 56 21.04 8.87 -8.86
N ALA A 57 20.85 7.54 -8.85
CA ALA A 57 22.02 6.62 -8.78
C ALA A 57 21.67 5.34 -9.53
N GLY A 58 22.65 4.69 -10.13
CA GLY A 58 22.42 3.36 -10.74
C GLY A 58 22.70 3.49 -12.22
N ILE A 59 21.90 2.82 -13.05
CA ILE A 59 22.19 2.83 -14.48
C ILE A 59 21.06 3.48 -15.28
N ASP A 60 21.40 4.53 -16.01
CA ASP A 60 20.47 5.08 -17.04
C ASP A 60 19.21 5.72 -16.46
N ASN A 61 19.34 6.41 -15.34
CA ASN A 61 18.22 7.13 -14.77
C ASN A 61 18.18 8.58 -15.23
N LYS A 62 16.99 9.19 -15.15
CA LYS A 62 16.81 10.61 -15.45
C LYS A 62 16.05 11.21 -14.31
N ALA A 63 16.75 12.00 -13.51
CA ALA A 63 16.11 12.65 -12.40
C ALA A 63 15.95 14.08 -12.86
N ASN A 64 15.02 14.24 -13.84
CA ASN A 64 14.88 15.42 -14.69
C ASN A 64 13.68 16.30 -14.43
N ALA A 65 13.39 16.55 -13.16
CA ALA A 65 12.40 17.57 -12.78
C ALA A 65 12.69 17.95 -11.35
N ASP A 66 12.09 19.02 -10.88
CA ASP A 66 12.49 19.48 -9.57
C ASP A 66 12.24 18.41 -8.47
N ASN A 67 13.23 18.24 -7.62
CA ASN A 67 13.15 17.29 -6.50
C ASN A 67 12.94 15.81 -6.90
N ALA A 68 13.06 15.50 -8.18
CA ALA A 68 13.03 14.10 -8.67
C ALA A 68 13.98 13.18 -7.92
N VAL A 69 13.50 11.98 -7.59
CA VAL A 69 14.34 10.90 -7.07
C VAL A 69 14.21 9.77 -8.05
N ALA A 70 15.35 9.30 -8.57
CA ALA A 70 15.34 8.21 -9.54
C ALA A 70 16.49 7.26 -9.21
N LEU A 71 16.17 6.08 -8.72
CA LEU A 71 17.15 5.26 -8.03
C LEU A 71 16.96 3.83 -8.51
N GLY A 72 17.98 3.32 -9.22
CA GLY A 72 17.98 1.95 -9.73
C GLY A 72 18.38 1.91 -11.20
N ASN A 73 17.64 1.13 -11.99
CA ASN A 73 17.88 1.04 -13.40
C ASN A 73 16.76 1.61 -14.30
N LYS A 74 17.08 2.64 -15.09
CA LYS A 74 16.10 3.10 -16.11
C LYS A 74 14.81 3.65 -15.49
N ASN A 75 14.98 4.48 -14.47
CA ASN A 75 13.91 5.31 -13.91
C ASN A 75 13.94 6.73 -14.51
N THR A 76 12.89 7.09 -15.25
CA THR A 76 12.83 8.39 -15.91
C THR A 76 11.81 9.28 -15.17
N ILE A 77 12.27 10.39 -14.61
CA ILE A 77 11.34 11.31 -14.01
C ILE A 77 11.37 12.67 -14.62
N GLU A 78 10.23 13.11 -15.16
CA GLU A 78 10.19 14.36 -15.87
C GLU A 78 8.95 15.12 -15.40
N GLY A 79 8.35 14.68 -14.29
CA GLY A 79 7.27 15.43 -13.63
C GLY A 79 7.69 15.82 -12.22
N GLU A 80 7.30 17.02 -11.79
CA GLU A 80 7.75 17.52 -10.49
C GLU A 80 7.34 16.67 -9.29
N ASN A 81 8.16 16.79 -8.25
CA ASN A 81 7.92 16.16 -6.97
C ASN A 81 7.56 14.69 -7.10
N SER A 82 8.18 14.02 -8.07
CA SER A 82 7.95 12.62 -8.27
C SER A 82 9.15 11.81 -7.85
N VAL A 83 8.93 10.53 -7.61
CA VAL A 83 9.94 9.53 -7.15
C VAL A 83 9.81 8.22 -7.98
N ALA A 84 10.90 7.60 -8.42
CA ALA A 84 10.80 6.23 -8.92
C ALA A 84 12.00 5.46 -8.48
N ILE A 85 11.74 4.36 -7.75
CA ILE A 85 12.76 3.48 -7.24
C ILE A 85 12.47 2.07 -7.72
N GLY A 86 13.50 1.43 -8.30
CA GLY A 86 13.39 0.12 -8.94
C GLY A 86 13.94 0.16 -10.35
N SER A 87 13.21 -0.40 -11.32
CA SER A 87 13.74 -0.48 -12.67
C SER A 87 12.64 -0.27 -13.70
N ASN A 88 13.02 0.33 -14.85
CA ASN A 88 12.03 0.64 -15.90
C ASN A 88 10.74 1.30 -15.40
N ASN A 89 10.83 2.56 -15.03
CA ASN A 89 9.66 3.29 -14.63
C ASN A 89 9.81 4.68 -15.26
N THR A 90 8.68 5.31 -15.61
CA THR A 90 8.67 6.61 -16.25
C THR A 90 7.53 7.43 -15.70
N VAL A 91 7.85 8.68 -15.32
CA VAL A 91 6.86 9.69 -15.01
C VAL A 91 7.19 10.81 -15.96
N LYS A 92 6.17 11.27 -16.70
CA LYS A 92 6.31 12.18 -17.83
C LYS A 92 5.94 13.56 -17.35
N LYS A 93 6.33 14.59 -18.10
CA LYS A 93 6.12 15.98 -17.73
C LYS A 93 4.64 16.22 -17.56
N GLY A 94 4.26 16.93 -16.50
CA GLY A 94 2.83 17.12 -16.18
C GLY A 94 2.14 15.91 -15.51
N GLN A 95 2.92 14.92 -15.08
CA GLN A 95 2.49 13.99 -14.06
C GLN A 95 3.23 14.37 -12.79
N GLN A 96 2.56 15.13 -11.94
CA GLN A 96 3.15 15.59 -10.70
C GLN A 96 2.87 14.68 -9.52
N ASN A 97 3.79 14.67 -8.57
CA ASN A 97 3.58 13.98 -7.28
C ASN A 97 3.23 12.51 -7.45
N VAL A 98 3.96 11.84 -8.31
CA VAL A 98 3.75 10.42 -8.58
C VAL A 98 4.88 9.59 -8.00
N PHE A 99 4.56 8.47 -7.34
CA PHE A 99 5.50 7.74 -6.49
C PHE A 99 5.49 6.29 -6.89
N ILE A 100 6.66 5.78 -7.33
CA ILE A 100 6.76 4.41 -7.79
C ILE A 100 7.80 3.65 -6.99
N LEU A 101 7.41 2.55 -6.37
CA LEU A 101 8.40 1.58 -5.85
C LEU A 101 8.04 0.25 -6.53
N GLY A 102 8.79 -0.12 -7.55
CA GLY A 102 8.31 -1.13 -8.50
C GLY A 102 9.23 -1.26 -9.71
N SER A 103 8.79 -2.03 -10.70
CA SER A 103 9.54 -2.24 -11.91
C SER A 103 8.59 -2.48 -13.09
N ASN A 104 9.00 -2.09 -14.28
CA ASN A 104 8.26 -2.38 -15.49
C ASN A 104 6.84 -1.92 -15.35
N THR A 105 6.69 -0.69 -14.89
CA THR A 105 5.37 -0.15 -14.65
CA THR A 105 5.43 -0.06 -14.61
C THR A 105 4.80 0.58 -15.87
N ASP A 106 3.51 0.94 -15.77
CA ASP A 106 2.81 1.69 -16.81
C ASP A 106 2.08 2.86 -16.17
N THR A 107 2.57 4.06 -16.50
CA THR A 107 2.01 5.31 -15.96
C THR A 107 1.17 6.09 -17.00
N THR A 108 0.84 5.46 -18.14
CA THR A 108 -0.05 6.04 -19.17
C THR A 108 -1.32 6.66 -18.56
N ASN A 109 -1.91 5.94 -17.59
CA ASN A 109 -3.15 6.38 -16.98
C ASN A 109 -3.01 6.86 -15.53
N ALA A 110 -1.80 6.95 -15.02
CA ALA A 110 -1.60 7.42 -13.65
C ALA A 110 -1.90 8.90 -13.64
N GLN A 111 -2.84 9.36 -12.81
CA GLN A 111 -3.00 10.81 -12.59
C GLN A 111 -2.06 11.29 -11.51
N ASN A 112 -1.96 12.60 -11.43
CA ASN A 112 -1.24 13.28 -10.37
C ASN A 112 -1.59 12.68 -9.03
N GLY A 113 -0.59 12.45 -8.20
CA GLY A 113 -0.89 12.03 -6.84
C GLY A 113 -0.93 10.51 -6.73
N SER A 114 -0.70 9.82 -7.82
CA SER A 114 -0.99 8.41 -7.76
C SER A 114 0.26 7.64 -7.25
N VAL A 115 0.06 6.46 -6.65
CA VAL A 115 1.16 5.63 -6.14
C VAL A 115 1.13 4.26 -6.88
N LEU A 116 2.28 3.81 -7.39
CA LEU A 116 2.39 2.48 -8.00
C LEU A 116 3.32 1.61 -7.18
N LEU A 117 2.87 0.40 -6.82
CA LEU A 117 3.73 -0.48 -6.05
C LEU A 117 3.97 -1.79 -6.80
N GLY A 118 5.22 -2.25 -6.96
CA GLY A 118 5.47 -3.63 -7.42
C GLY A 118 5.75 -3.77 -8.92
N HIS A 119 6.12 -4.98 -9.31
CA HIS A 119 6.50 -5.34 -10.68
CA HIS A 119 6.49 -5.36 -10.67
C HIS A 119 5.27 -5.48 -11.59
N ASN A 120 5.39 -4.92 -12.80
CA ASN A 120 4.28 -4.90 -13.78
C ASN A 120 3.05 -4.11 -13.31
N THR A 121 3.24 -3.13 -12.45
CA THR A 121 2.12 -2.41 -11.90
C THR A 121 1.64 -1.29 -12.82
N ALA A 122 0.32 -1.14 -13.00
CA ALA A 122 -0.23 -0.03 -13.82
C ALA A 122 -1.02 1.05 -13.03
N GLY A 123 -0.76 2.32 -13.36
CA GLY A 123 -1.56 3.43 -12.95
C GLY A 123 -2.98 3.32 -13.54
N LYS A 124 -3.91 3.96 -12.83
CA LYS A 124 -5.33 3.94 -13.17
C LYS A 124 -5.99 5.23 -12.68
N ALA A 125 -6.86 5.79 -13.51
CA ALA A 125 -7.58 7.03 -13.22
C ALA A 125 -8.57 6.78 -12.09
N ALA A 126 -8.63 7.70 -11.12
CA ALA A 126 -9.65 7.68 -10.05
C ALA A 126 -11.09 7.69 -10.60
N THR A 127 -11.96 6.88 -10.00
CA THR A 127 -13.40 7.05 -10.32
C THR A 127 -14.12 7.55 -9.05
N ILE A 128 -15.29 8.14 -9.29
CA ILE A 128 -16.18 8.63 -8.24
C ILE A 128 -17.27 7.58 -8.03
N VAL A 129 -17.24 6.93 -6.88
CA VAL A 129 -18.21 5.92 -6.59
C VAL A 129 -18.98 6.29 -5.33
N ASN A 130 -20.11 6.96 -5.53
CA ASN A 130 -20.97 7.30 -4.41
CA ASN A 130 -21.02 7.35 -4.47
C ASN A 130 -22.02 6.21 -4.11
N SER A 131 -22.27 5.33 -5.08
CA SER A 131 -23.38 4.38 -5.00
C SER A 131 -23.18 3.23 -5.98
N ALA A 132 -24.06 2.24 -5.99
CA ALA A 132 -23.91 1.08 -6.86
C ALA A 132 -25.27 0.43 -7.01
N GLU A 133 -25.54 -0.12 -8.18
CA GLU A 133 -26.79 -0.84 -8.38
C GLU A 133 -26.43 -2.30 -8.69
N VAL A 134 -26.98 -3.22 -7.92
CA VAL A 134 -26.66 -4.64 -8.07
C VAL A 134 -27.96 -5.36 -8.35
N GLY A 135 -28.15 -5.80 -9.58
CA GLY A 135 -29.37 -6.49 -9.95
C GLY A 135 -30.67 -6.01 -9.28
N GLY A 136 -30.98 -4.71 -9.42
CA GLY A 136 -32.24 -4.19 -8.90
C GLY A 136 -32.17 -3.67 -7.46
N LEU A 137 -31.06 -3.97 -6.77
CA LEU A 137 -30.78 -3.43 -5.43
C LEU A 137 -29.85 -2.19 -5.49
N SER A 138 -30.26 -1.08 -4.90
CA SER A 138 -29.42 0.11 -4.80
C SER A 138 -28.58 0.12 -3.52
N LEU A 139 -27.28 0.31 -3.63
CA LEU A 139 -26.41 0.60 -2.47
C LEU A 139 -25.99 2.05 -2.49
N THR A 140 -26.16 2.76 -1.39
CA THR A 140 -26.10 4.23 -1.40
C THR A 140 -25.20 4.74 -0.25
N GLY A 141 -24.76 5.98 -0.33
CA GLY A 141 -24.06 6.58 0.82
C GLY A 141 -22.62 6.14 1.09
N PHE A 142 -21.85 5.91 0.03
CA PHE A 142 -20.46 5.54 0.17
C PHE A 142 -19.63 6.77 0.61
N ALA A 143 -18.82 6.57 1.66
CA ALA A 143 -17.72 7.46 2.08
C ALA A 143 -16.52 7.38 1.14
N GLY A 144 -15.80 8.50 1.08
CA GLY A 144 -14.51 8.54 0.44
C GLY A 144 -14.53 8.55 -1.08
N ALA A 145 -15.63 9.01 -1.68
CA ALA A 145 -15.65 9.21 -3.11
C ALA A 145 -15.04 10.59 -3.41
N SER A 146 -13.70 10.61 -3.45
CA SER A 146 -12.92 11.82 -3.82
C SER A 146 -13.14 12.23 -5.28
N ASN A 150 -7.20 13.23 -7.25
CA ASN A 150 -6.19 12.68 -6.34
C ASN A 150 -5.34 11.49 -6.81
N GLY A 151 -5.71 10.85 -7.91
CA GLY A 151 -5.00 9.62 -8.31
C GLY A 151 -5.38 8.40 -7.50
N THR A 152 -4.77 7.27 -7.80
CA THR A 152 -5.07 6.05 -7.09
C THR A 152 -3.78 5.44 -6.59
N VAL A 153 -3.90 4.42 -5.75
CA VAL A 153 -2.79 3.59 -5.38
C VAL A 153 -2.92 2.27 -6.10
N SER A 154 -1.91 1.86 -6.86
CA SER A 154 -2.07 0.59 -7.61
C SER A 154 -1.16 -0.44 -7.08
N VAL A 155 -1.68 -1.67 -6.96
CA VAL A 155 -0.85 -2.79 -6.53
C VAL A 155 -0.58 -3.82 -7.62
N GLY A 156 -1.08 -3.59 -8.83
CA GLY A 156 -0.79 -4.51 -9.92
C GLY A 156 -1.30 -4.03 -11.25
N LYS A 157 -1.68 -4.94 -12.15
CA LYS A 157 -2.41 -4.53 -13.39
C LYS A 157 -3.55 -5.48 -13.77
N LYS A 158 -4.27 -5.18 -14.86
CA LYS A 158 -5.39 -5.99 -15.27
C LYS A 158 -4.89 -7.36 -15.74
N GLY A 159 -5.45 -8.42 -15.16
CA GLY A 159 -4.96 -9.77 -15.40
C GLY A 159 -3.83 -10.17 -14.45
N LYS A 160 -3.21 -9.21 -13.75
CA LYS A 160 -2.09 -9.51 -12.83
C LYS A 160 -2.28 -8.79 -11.56
N GLU A 161 -3.39 -9.09 -10.87
CA GLU A 161 -3.76 -8.35 -9.68
C GLU A 161 -2.96 -8.95 -8.52
N ARG A 162 -2.84 -8.20 -7.44
CA ARG A 162 -2.17 -8.69 -6.26
C ARG A 162 -3.11 -8.61 -5.05
N GLN A 163 -3.20 -9.73 -4.34
CA GLN A 163 -3.82 -9.74 -3.04
C GLN A 163 -3.08 -8.80 -2.08
N ILE A 164 -3.85 -8.12 -1.21
CA ILE A 164 -3.26 -7.37 -0.08
C ILE A 164 -3.46 -8.20 1.19
N VAL A 165 -2.39 -8.40 1.96
CA VAL A 165 -2.44 -9.39 3.04
C VAL A 165 -2.04 -8.79 4.39
N HIS A 166 -2.50 -9.44 5.47
CA HIS A 166 -2.28 -8.96 6.85
C HIS A 166 -2.90 -7.59 7.10
N VAL A 167 -4.09 -7.38 6.53
CA VAL A 167 -4.91 -6.16 6.66
C VAL A 167 -5.76 -6.24 7.92
N GLY A 168 -5.60 -5.27 8.81
CA GLY A 168 -6.43 -5.17 10.02
C GLY A 168 -7.89 -4.93 9.69
N ALA A 169 -8.76 -5.42 10.59
CA ALA A 169 -10.21 -5.21 10.46
C ALA A 169 -10.52 -3.73 10.41
N GLY A 170 -11.26 -3.33 9.37
CA GLY A 170 -11.70 -1.94 9.21
C GLY A 170 -12.92 -1.58 10.02
N GLU A 171 -12.98 -0.34 10.46
CA GLU A 171 -14.22 0.20 10.96
C GLU A 171 -15.37 -0.02 9.95
N ILE A 172 -16.50 -0.52 10.46
CA ILE A 172 -17.67 -0.81 9.63
C ILE A 172 -18.77 0.15 10.07
N SER A 173 -18.94 1.25 9.35
CA SER A 173 -19.91 2.30 9.73
C SER A 173 -20.17 3.17 8.48
N ASP A 174 -21.11 4.10 8.59
CA ASP A 174 -21.59 4.78 7.40
C ASP A 174 -20.66 5.82 6.81
N THR A 175 -19.56 6.12 7.52
CA THR A 175 -18.54 7.03 7.01
C THR A 175 -17.18 6.39 6.89
N SER A 176 -17.07 5.09 7.16
CA SER A 176 -15.75 4.49 7.29
C SER A 176 -15.05 4.41 5.98
N THR A 177 -13.77 4.74 6.01
CA THR A 177 -12.97 4.70 4.83
CA THR A 177 -12.96 4.72 4.81
C THR A 177 -11.82 3.74 5.04
N ASP A 178 -11.99 2.81 5.99
CA ASP A 178 -10.93 1.84 6.29
C ASP A 178 -11.12 0.72 5.26
N ALA A 179 -10.06 0.07 4.82
CA ALA A 179 -10.20 -1.16 4.06
C ALA A 179 -10.90 -2.22 4.88
N VAL A 180 -11.66 -3.06 4.19
CA VAL A 180 -12.31 -4.26 4.76
C VAL A 180 -11.50 -5.56 4.44
N ASN A 181 -11.45 -6.49 5.39
CA ASN A 181 -10.76 -7.77 5.18
C ASN A 181 -11.74 -8.95 5.02
N GLY A 182 -11.29 -10.07 4.47
CA GLY A 182 -12.18 -11.21 4.17
C GLY A 182 -13.06 -11.74 5.32
N SER A 183 -12.58 -11.62 6.54
CA SER A 183 -13.34 -12.03 7.72
C SER A 183 -14.53 -11.12 7.96
N GLN A 184 -14.44 -9.87 7.53
CA GLN A 184 -15.55 -8.96 7.73
C GLN A 184 -16.64 -9.26 6.71
N LEU A 185 -16.22 -9.58 5.48
CA LEU A 185 -17.15 -10.03 4.46
C LEU A 185 -17.76 -11.38 4.85
N HIS A 186 -16.93 -12.28 5.33
CA HIS A 186 -17.39 -13.58 5.83
C HIS A 186 -18.44 -13.38 6.87
N ALA A 187 -18.17 -12.53 7.87
CA ALA A 187 -19.16 -12.25 8.94
C ALA A 187 -20.50 -11.76 8.42
N LEU A 188 -20.51 -10.80 7.48
CA LEU A 188 -21.79 -10.38 6.91
C LEU A 188 -22.47 -11.52 6.10
N ALA A 189 -21.66 -12.32 5.37
CA ALA A 189 -22.16 -13.40 4.54
C ALA A 189 -22.83 -14.51 5.36
N THR A 190 -22.36 -14.75 6.59
CA THR A 190 -22.97 -15.77 7.48
C THR A 190 -24.42 -15.39 7.79
N VAL A 191 -24.66 -14.09 7.97
CA VAL A 191 -26.00 -13.58 8.22
C VAL A 191 -26.84 -13.68 6.96
N VAL A 192 -26.25 -13.36 5.80
CA VAL A 192 -26.96 -13.47 4.51
C VAL A 192 -27.39 -14.93 4.26
N ALA A 193 -26.47 -15.86 4.45
CA ALA A 193 -26.77 -17.33 4.39
C ALA A 193 -27.90 -17.75 5.40
N GLN A 194 -27.88 -17.15 6.58
CA GLN A 194 -28.90 -17.44 7.57
C GLN A 194 -30.23 -16.86 7.09
N ASN A 195 -30.24 -15.61 6.61
CA ASN A 195 -31.46 -15.09 6.03
C ASN A 195 -32.04 -15.99 4.94
N LYS A 196 -31.17 -16.58 4.12
CA LYS A 196 -31.65 -17.33 2.98
C LYS A 196 -32.29 -18.64 3.44
N ALA A 197 -31.74 -19.27 4.50
CA ALA A 197 -32.31 -20.46 5.10
C ALA A 197 -33.62 -20.16 5.78
N ASP A 198 -33.67 -19.06 6.54
CA ASP A 198 -34.92 -18.61 7.12
C ASP A 198 -36.01 -18.44 6.05
N ILE A 199 -35.66 -17.84 4.91
CA ILE A 199 -36.64 -17.65 3.83
C ILE A 199 -37.22 -19.00 3.33
N LYS A 200 -36.33 -19.98 3.21
CA LYS A 200 -36.72 -21.32 2.80
C LYS A 200 -37.65 -21.94 3.87
N ASP A 201 -37.29 -21.84 5.15
CA ASP A 201 -38.07 -22.42 6.23
C ASP A 201 -39.47 -21.82 6.21
N LEU A 202 -39.54 -20.48 6.11
CA LEU A 202 -40.80 -19.75 5.98
C LEU A 202 -41.64 -20.18 4.76
N ASP A 203 -40.99 -20.31 3.62
CA ASP A 203 -41.63 -20.78 2.37
C ASP A 203 -42.28 -22.14 2.55
N ASP A 204 -41.55 -23.09 3.16
CA ASP A 204 -42.12 -24.39 3.49
C ASP A 204 -43.38 -24.17 4.35
N GLU A 205 -43.28 -23.32 5.38
CA GLU A 205 -44.43 -23.11 6.23
C GLU A 205 -45.63 -22.54 5.46
N VAL A 206 -45.42 -21.47 4.70
CA VAL A 206 -46.48 -20.95 3.83
C VAL A 206 -47.12 -22.00 2.89
N GLY A 207 -46.31 -22.84 2.24
CA GLY A 207 -46.83 -23.92 1.44
C GLY A 207 -47.73 -24.90 2.21
N LEU A 208 -47.30 -25.32 3.42
CA LEU A 208 -48.11 -26.18 4.24
C LEU A 208 -49.41 -25.47 4.63
N LEU A 209 -49.34 -24.20 5.03
CA LEU A 209 -50.53 -23.44 5.35
C LEU A 209 -51.47 -23.38 4.15
N GLY A 210 -50.94 -23.16 2.94
CA GLY A 210 -51.73 -23.22 1.72
C GLY A 210 -52.48 -24.53 1.53
N GLU A 211 -51.82 -25.66 1.84
CA GLU A 211 -52.42 -26.96 1.64
C GLU A 211 -53.56 -27.13 2.58
N GLU A 212 -53.41 -26.69 3.83
CA GLU A 212 -54.50 -26.84 4.80
C GLU A 212 -55.76 -26.08 4.47
N ILE A 213 -55.61 -24.84 3.96
CA ILE A 213 -56.75 -24.10 3.48
C ILE A 213 -57.47 -24.89 2.39
N ASN A 214 -56.72 -25.32 1.37
CA ASN A 214 -57.29 -26.06 0.25
C ASN A 214 -57.91 -27.39 0.69
N LYS A 215 -57.24 -28.09 1.60
CA LYS A 215 -57.82 -29.25 2.24
C LYS A 215 -59.17 -28.90 2.89
N HIS A 216 -59.25 -27.75 3.58
CA HIS A 216 -60.45 -27.45 4.41
C HIS A 216 -61.78 -27.42 3.66
N HIS A 217 -61.84 -26.75 2.51
CA HIS A 217 -63.11 -26.68 1.78
C HIS A 217 -63.63 -28.08 1.25
N HIS A 218 -62.71 -28.98 0.96
CA HIS A 218 -63.03 -30.38 0.61
C HIS A 218 -63.33 -31.30 1.81
N HIS A 219 -64.47 -31.98 1.73
CA HIS A 219 -65.16 -32.49 2.93
C HIS A 219 -65.27 -31.34 3.94
N HIS A 220 -66.10 -30.34 3.58
CA HIS A 220 -66.21 -29.09 4.31
C HIS A 220 -66.79 -29.30 5.71
N TYR B 1 34.60 26.06 1.75
CA TYR B 1 34.91 26.16 3.22
C TYR B 1 34.52 24.86 3.94
N ASN B 2 35.33 23.84 3.67
CA ASN B 2 34.98 22.47 4.04
C ASN B 2 35.70 21.96 5.30
N GLU B 3 35.13 20.93 5.92
CA GLU B 3 35.60 20.52 7.24
C GLU B 3 35.55 19.01 7.44
N ALA B 4 36.72 18.38 7.37
CA ALA B 4 36.84 16.93 7.58
C ALA B 4 38.07 16.52 8.44
N THR B 5 37.98 16.72 9.75
CA THR B 5 39.08 16.41 10.68
C THR B 5 39.05 14.99 11.25
N ILE B 6 37.86 14.52 11.62
CA ILE B 6 37.68 13.24 12.36
C ILE B 6 38.13 12.01 11.58
N GLU B 7 38.30 10.89 12.30
CA GLU B 7 38.64 9.63 11.69
C GLU B 7 37.75 9.37 10.49
N ASN B 8 38.41 9.14 9.36
CA ASN B 8 37.80 8.68 8.13
C ASN B 8 36.66 9.54 7.61
N SER B 9 36.69 10.83 7.93
CA SER B 9 35.68 11.74 7.37
C SER B 9 36.07 12.33 5.97
N THR B 10 35.06 12.55 5.13
CA THR B 10 35.25 12.95 3.74
C THR B 10 34.29 14.05 3.31
N VAL B 11 34.87 15.17 2.85
CA VAL B 11 34.27 16.16 1.92
C VAL B 11 35.34 16.21 0.81
N GLY B 12 35.09 15.77 -0.42
CA GLY B 12 33.85 15.72 -1.15
C GLY B 12 34.23 16.79 -2.16
N GLY B 13 33.79 18.01 -1.86
CA GLY B 13 33.95 19.18 -2.73
C GLY B 13 32.78 20.08 -2.34
N GLY B 14 32.51 21.10 -3.14
CA GLY B 14 31.48 22.12 -2.83
C GLY B 14 31.88 23.16 -1.80
N GLY B 15 30.90 23.90 -1.27
CA GLY B 15 31.19 24.91 -0.27
C GLY B 15 30.48 24.63 1.04
N TYR B 16 31.11 25.08 2.13
CA TYR B 16 30.55 25.10 3.51
C TYR B 16 29.99 23.77 3.95
N ASN B 17 30.63 22.68 3.49
CA ASN B 17 30.26 21.31 3.84
C ASN B 17 31.06 20.83 5.03
N GLN B 18 30.48 20.01 5.87
CA GLN B 18 31.16 19.60 7.08
C GLN B 18 30.92 18.13 7.27
N ALA B 19 31.98 17.34 7.44
CA ALA B 19 31.83 15.93 7.76
C ALA B 19 32.40 15.77 9.17
N LYS B 20 31.65 16.19 10.17
CA LYS B 20 32.12 16.19 11.57
C LYS B 20 32.05 14.81 12.25
N GLY B 21 31.21 13.91 11.74
CA GLY B 21 31.03 12.59 12.39
C GLY B 21 32.16 11.67 11.99
N ARG B 22 32.62 10.82 12.92
CA ARG B 22 33.51 9.71 12.56
C ARG B 22 32.95 8.89 11.39
N ASN B 23 33.80 8.55 10.40
CA ASN B 23 33.43 7.89 9.13
C ASN B 23 32.32 8.58 8.33
N SER B 24 32.02 9.86 8.64
CA SER B 24 30.96 10.55 7.90
C SER B 24 31.47 11.01 6.51
N THR B 25 30.52 11.21 5.59
CA THR B 25 30.79 11.58 4.23
C THR B 25 29.81 12.68 3.77
N VAL B 26 30.32 13.75 3.21
CA VAL B 26 29.51 14.64 2.40
C VAL B 26 30.17 14.69 0.99
N ALA B 27 29.51 14.15 -0.02
CA ALA B 27 30.18 13.99 -1.32
C ALA B 27 30.32 15.32 -2.08
N GLY B 28 29.51 16.32 -1.71
CA GLY B 28 29.50 17.60 -2.39
C GLY B 28 28.25 18.41 -2.03
N GLY B 29 27.96 19.43 -2.85
CA GLY B 29 26.91 20.37 -2.62
C GLY B 29 27.29 21.56 -1.73
N TYR B 30 26.27 22.18 -1.18
CA TYR B 30 26.51 23.43 -0.48
C TYR B 30 25.82 23.42 0.88
N ASN B 31 26.55 23.77 1.92
CA ASN B 31 25.97 23.84 3.24
C ASN B 31 25.39 22.50 3.77
N ASN B 32 26.12 21.43 3.51
CA ASN B 32 25.76 20.14 4.04
C ASN B 32 26.55 19.77 5.32
N GLU B 33 25.86 19.36 6.36
CA GLU B 33 26.49 19.01 7.62
C GLU B 33 26.20 17.56 8.02
N ALA B 34 27.23 16.70 7.97
CA ALA B 34 27.04 15.30 8.42
C ALA B 34 27.69 15.04 9.77
N THR B 35 26.87 14.89 10.78
CA THR B 35 27.36 14.92 12.14
C THR B 35 27.40 13.55 12.83
N GLY B 36 26.63 12.60 12.33
CA GLY B 36 26.57 11.31 12.97
C GLY B 36 27.69 10.38 12.56
N THR B 37 28.02 9.46 13.44
CA THR B 37 28.93 8.40 13.09
C THR B 37 28.41 7.63 11.86
N ASP B 38 29.25 7.45 10.84
CA ASP B 38 28.82 6.74 9.64
C ASP B 38 27.69 7.45 8.88
N SER B 39 27.52 8.76 9.07
CA SER B 39 26.45 9.48 8.35
C SER B 39 26.89 9.82 6.90
N THR B 40 25.91 10.09 6.05
CA THR B 40 26.23 10.30 4.65
C THR B 40 25.32 11.36 4.04
N ILE B 41 25.91 12.34 3.38
CA ILE B 41 25.12 13.21 2.51
C ILE B 41 25.67 13.09 1.11
N ALA B 42 24.82 12.66 0.19
CA ALA B 42 25.21 12.42 -1.15
C ALA B 42 25.45 13.77 -1.87
N GLY B 43 24.72 14.83 -1.47
CA GLY B 43 24.78 16.11 -2.19
C GLY B 43 23.53 16.94 -2.02
N GLY B 44 23.44 18.01 -2.79
CA GLY B 44 22.35 18.95 -2.67
C GLY B 44 22.78 20.04 -1.73
N ARG B 45 21.85 20.56 -0.95
CA ARG B 45 22.00 21.86 -0.32
C ARG B 45 21.25 21.87 1.00
N LYS B 46 21.89 22.40 2.04
CA LYS B 46 21.25 22.64 3.34
C LYS B 46 20.78 21.33 4.05
N ASN B 47 21.45 20.21 3.75
CA ASN B 47 21.15 18.93 4.41
C ASN B 47 21.87 18.75 5.75
N GLN B 48 21.19 18.07 6.67
CA GLN B 48 21.80 17.58 7.90
C GLN B 48 21.66 16.07 7.99
N ALA B 49 22.62 15.46 8.66
CA ALA B 49 22.52 14.08 9.00
C ALA B 49 23.20 13.86 10.36
N THR B 50 22.44 14.11 11.42
CA THR B 50 22.94 13.88 12.76
C THR B 50 22.81 12.42 13.24
N GLY B 51 22.08 11.55 12.56
CA GLY B 51 21.98 10.21 13.10
C GLY B 51 23.09 9.24 12.74
N LYS B 52 23.35 8.28 13.63
CA LYS B 52 24.24 7.16 13.22
C LYS B 52 23.71 6.43 11.96
N GLY B 53 24.55 6.31 10.92
CA GLY B 53 24.27 5.51 9.75
C GLY B 53 23.19 6.10 8.87
N SER B 54 22.97 7.40 9.03
CA SER B 54 21.95 8.10 8.34
C SER B 54 22.34 8.52 6.90
N PHE B 55 21.35 8.92 6.12
CA PHE B 55 21.58 9.21 4.76
C PHE B 55 20.60 10.29 4.34
N ALA B 56 21.09 11.37 3.75
CA ALA B 56 20.23 12.43 3.19
C ALA B 56 20.76 12.79 1.83
N ALA B 57 19.87 13.15 0.90
CA ALA B 57 20.27 13.83 -0.35
C ALA B 57 19.15 14.76 -0.81
N GLY B 58 19.47 15.85 -1.49
CA GLY B 58 18.47 16.73 -2.06
C GLY B 58 18.57 18.08 -1.37
N ILE B 59 17.42 18.72 -1.11
CA ILE B 59 17.45 20.02 -0.53
C ILE B 59 16.76 20.02 0.84
N ASP B 60 17.49 20.49 1.85
CA ASP B 60 16.89 20.82 3.15
C ASP B 60 16.34 19.61 3.94
N ASN B 61 17.03 18.48 3.89
CA ASN B 61 16.62 17.26 4.61
C ASN B 61 17.31 17.19 5.93
N LYS B 62 16.68 16.53 6.90
CA LYS B 62 17.32 16.25 8.16
C LYS B 62 17.20 14.76 8.40
N ALA B 63 18.33 14.07 8.36
CA ALA B 63 18.34 12.66 8.54
C ALA B 63 18.94 12.53 9.92
N ASN B 64 18.14 12.92 10.94
CA ASN B 64 18.60 13.23 12.30
C ASN B 64 18.14 12.25 13.36
N ALA B 65 18.21 10.96 13.08
CA ALA B 65 18.06 9.91 14.12
C ALA B 65 18.70 8.68 13.54
N ASP B 66 18.94 7.69 14.39
CA ASP B 66 19.73 6.60 13.92
C ASP B 66 19.06 5.95 12.70
N ASN B 67 19.88 5.65 11.68
CA ASN B 67 19.44 4.92 10.45
C ASN B 67 18.38 5.65 9.60
N ALA B 68 18.14 6.92 9.90
CA ALA B 68 17.23 7.76 9.13
C ALA B 68 17.62 7.80 7.67
N VAL B 69 16.61 7.77 6.80
CA VAL B 69 16.81 7.96 5.37
C VAL B 69 15.88 9.11 5.02
N ALA B 70 16.44 10.18 4.45
CA ALA B 70 15.64 11.37 4.13
C ALA B 70 16.09 11.80 2.74
N LEU B 71 15.25 11.60 1.75
CA LEU B 71 15.70 11.71 0.39
C LEU B 71 14.69 12.53 -0.39
N GLY B 72 15.10 13.72 -0.83
CA GLY B 72 14.25 14.58 -1.68
C GLY B 72 14.33 16.01 -1.18
N ASN B 73 13.19 16.66 -1.04
CA ASN B 73 13.12 18.02 -0.53
C ASN B 73 12.37 18.15 0.82
N LYS B 74 13.05 18.65 1.85
CA LYS B 74 12.36 18.95 3.10
C LYS B 74 11.77 17.68 3.76
N ASN B 75 12.54 16.60 3.80
CA ASN B 75 12.23 15.46 4.65
C ASN B 75 12.97 15.60 5.98
N THR B 76 12.22 15.75 7.08
CA THR B 76 12.80 15.84 8.43
C THR B 76 12.51 14.52 9.18
N ILE B 77 13.58 13.81 9.56
CA ILE B 77 13.42 12.61 10.37
C ILE B 77 14.13 12.74 11.70
N GLU B 78 13.38 12.69 12.80
CA GLU B 78 13.93 12.84 14.12
C GLU B 78 13.51 11.64 14.98
N GLY B 79 12.99 10.58 14.36
CA GLY B 79 12.52 9.40 15.11
C GLY B 79 13.30 8.20 14.62
N GLU B 80 13.73 7.33 15.53
CA GLU B 80 14.57 6.21 15.10
C GLU B 80 13.97 5.30 13.98
N ASN B 81 14.85 4.77 13.13
CA ASN B 81 14.52 3.71 12.16
C ASN B 81 13.36 4.12 11.24
N SER B 82 13.37 5.38 10.85
CA SER B 82 12.34 5.93 10.03
C SER B 82 12.93 6.34 8.71
N VAL B 83 12.05 6.44 7.71
CA VAL B 83 12.39 6.77 6.32
C VAL B 83 11.40 7.84 5.82
N ALA B 84 11.87 8.85 5.10
CA ALA B 84 10.98 9.72 4.33
C ALA B 84 11.59 9.98 2.96
N ILE B 85 10.86 9.65 1.89
CA ILE B 85 11.32 9.89 0.57
C ILE B 85 10.23 10.66 -0.11
N GLY B 86 10.59 11.78 -0.75
CA GLY B 86 9.66 12.61 -1.50
C GLY B 86 9.87 14.05 -1.04
N SER B 87 8.86 14.68 -0.46
CA SER B 87 8.80 16.16 -0.28
C SER B 87 7.99 16.62 0.91
N ASN B 88 8.51 17.59 1.69
CA ASN B 88 7.78 18.09 2.89
C ASN B 88 7.14 16.96 3.73
N ASN B 89 7.96 16.17 4.39
CA ASN B 89 7.48 15.12 5.27
C ASN B 89 8.25 15.30 6.60
N THR B 90 7.64 14.96 7.73
CA THR B 90 8.30 15.09 9.03
C THR B 90 7.97 13.88 9.88
N VAL B 91 9.00 13.26 10.52
CA VAL B 91 8.84 12.24 11.58
C VAL B 91 9.51 12.81 12.81
N LYS B 92 8.79 12.95 13.92
CA LYS B 92 9.28 13.66 15.10
C LYS B 92 9.87 12.63 16.05
N LYS B 93 10.66 13.09 17.01
CA LYS B 93 11.26 12.28 18.06
C LYS B 93 10.17 11.53 18.80
N GLY B 94 10.33 10.22 19.00
CA GLY B 94 9.24 9.39 19.60
C GLY B 94 8.12 8.93 18.63
N GLN B 95 8.42 9.01 17.33
CA GLN B 95 7.67 8.32 16.29
C GLN B 95 8.67 7.44 15.61
N GLN B 96 8.70 6.15 15.96
CA GLN B 96 9.72 5.24 15.52
C GLN B 96 9.18 4.33 14.44
N ASN B 97 10.02 3.89 13.52
CA ASN B 97 9.62 2.92 12.50
C ASN B 97 8.53 3.38 11.58
N VAL B 98 8.63 4.64 11.17
CA VAL B 98 7.60 5.22 10.35
C VAL B 98 8.19 5.41 8.95
N PHE B 99 7.41 5.04 7.93
CA PHE B 99 7.90 5.02 6.54
C PHE B 99 7.00 5.83 5.68
N ILE B 100 7.57 6.80 4.97
CA ILE B 100 6.83 7.71 4.10
C ILE B 100 7.35 7.68 2.67
N LEU B 101 6.48 7.38 1.71
CA LEU B 101 6.83 7.58 0.32
C LEU B 101 5.70 8.46 -0.21
N GLY B 102 5.95 9.76 -0.33
CA GLY B 102 4.87 10.73 -0.40
C GLY B 102 5.38 12.15 -0.29
N SER B 103 4.44 13.10 -0.26
CA SER B 103 4.74 14.50 -0.15
C SER B 103 3.65 15.18 0.66
N ASN B 104 4.03 16.26 1.35
CA ASN B 104 3.08 17.10 2.04
C ASN B 104 2.20 16.29 2.98
N THR B 105 2.82 15.33 3.66
CA THR B 105 2.08 14.45 4.58
C THR B 105 1.84 15.11 5.97
N ASP B 106 1.05 14.41 6.81
CA ASP B 106 0.73 14.87 8.16
C ASP B 106 0.89 13.65 9.02
N THR B 107 1.91 13.71 9.87
CA THR B 107 2.21 12.63 10.81
C THR B 107 1.80 12.95 12.28
N THR B 108 1.00 13.99 12.47
CA THR B 108 0.42 14.35 13.80
C THR B 108 -0.17 13.14 14.54
N ASN B 109 -0.98 12.34 13.82
CA ASN B 109 -1.66 11.24 14.49
C ASN B 109 -1.13 9.86 14.16
N ALA B 110 -0.04 9.83 13.42
CA ALA B 110 0.64 8.60 13.05
C ALA B 110 1.30 8.00 14.28
N GLN B 111 1.05 6.73 14.57
CA GLN B 111 1.82 6.03 15.61
C GLN B 111 3.03 5.25 15.05
N ASN B 112 3.88 4.81 15.96
CA ASN B 112 5.00 3.93 15.63
C ASN B 112 4.56 2.82 14.66
N GLY B 113 5.32 2.62 13.59
CA GLY B 113 5.04 1.54 12.65
C GLY B 113 4.12 1.99 11.52
N SER B 114 3.79 3.26 11.43
CA SER B 114 2.86 3.68 10.38
C SER B 114 3.55 3.70 9.02
N VAL B 115 2.77 3.53 7.97
CA VAL B 115 3.25 3.76 6.61
C VAL B 115 2.35 4.83 6.00
N LEU B 116 2.93 5.88 5.42
CA LEU B 116 2.19 6.85 4.65
C LEU B 116 2.60 6.78 3.17
N LEU B 117 1.62 6.65 2.27
CA LEU B 117 1.92 6.62 0.87
C LEU B 117 1.23 7.77 0.16
N GLY B 118 1.92 8.48 -0.72
CA GLY B 118 1.28 9.53 -1.56
C GLY B 118 1.25 10.97 -1.06
N HIS B 119 0.85 11.85 -1.96
CA HIS B 119 0.72 13.30 -1.73
CA HIS B 119 0.70 13.30 -1.75
C HIS B 119 -0.52 13.63 -0.88
N ASN B 120 -0.32 14.53 0.10
CA ASN B 120 -1.36 14.93 1.04
C ASN B 120 -1.83 13.79 1.94
N THR B 121 -1.00 12.80 2.15
CA THR B 121 -1.43 11.66 2.95
C THR B 121 -1.35 11.93 4.46
N ALA B 122 -2.39 11.58 5.22
CA ALA B 122 -2.31 11.69 6.68
C ALA B 122 -2.20 10.37 7.46
N GLY B 123 -1.40 10.39 8.54
CA GLY B 123 -1.30 9.30 9.50
C GLY B 123 -2.57 9.22 10.32
N LYS B 124 -2.87 8.02 10.80
CA LYS B 124 -4.09 7.77 11.61
C LYS B 124 -3.81 6.71 12.64
N ALA B 125 -4.33 6.91 13.84
CA ALA B 125 -4.17 5.97 14.95
C ALA B 125 -4.92 4.65 14.64
N ALA B 126 -4.29 3.51 14.90
CA ALA B 126 -4.98 2.22 14.81
C ALA B 126 -6.23 2.11 15.71
N THR B 127 -7.32 1.54 15.20
CA THR B 127 -8.45 1.18 16.09
C THR B 127 -8.56 -0.33 16.20
N ILE B 128 -9.24 -0.78 17.26
CA ILE B 128 -9.47 -2.18 17.52
C ILE B 128 -10.90 -2.47 17.11
N VAL B 129 -11.08 -3.26 16.05
CA VAL B 129 -12.41 -3.54 15.53
C VAL B 129 -12.64 -5.04 15.53
N ASN B 130 -13.23 -5.53 16.60
CA ASN B 130 -13.52 -6.95 16.70
CA ASN B 130 -13.55 -6.93 16.79
C ASN B 130 -14.93 -7.25 16.23
N SER B 131 -15.78 -6.24 16.14
CA SER B 131 -17.20 -6.44 15.82
C SER B 131 -17.82 -5.12 15.37
N ALA B 132 -19.10 -5.15 15.00
CA ALA B 132 -19.79 -3.96 14.52
C ALA B 132 -21.27 -4.16 14.66
N GLU B 133 -21.97 -3.06 14.92
CA GLU B 133 -23.44 -3.04 14.98
C GLU B 133 -23.97 -2.15 13.85
N VAL B 134 -24.75 -2.76 12.95
CA VAL B 134 -25.36 -2.09 11.82
C VAL B 134 -26.86 -2.19 12.00
N GLY B 135 -27.51 -1.06 12.31
CA GLY B 135 -28.92 -1.11 12.66
C GLY B 135 -29.07 -1.89 13.97
N GLY B 136 -29.93 -2.90 13.98
CA GLY B 136 -29.94 -3.86 15.08
C GLY B 136 -29.26 -5.16 14.70
N LEU B 137 -28.34 -5.11 13.73
CA LEU B 137 -27.64 -6.33 13.35
C LEU B 137 -26.23 -6.37 13.97
N SER B 138 -25.89 -7.47 14.64
CA SER B 138 -24.53 -7.69 15.11
C SER B 138 -23.67 -8.48 14.13
N LEU B 139 -22.48 -7.94 13.84
CA LEU B 139 -21.40 -8.66 13.12
C LEU B 139 -20.24 -8.90 14.09
N THR B 140 -19.79 -10.15 14.23
CA THR B 140 -18.72 -10.49 15.19
C THR B 140 -17.66 -11.39 14.58
N GLY B 141 -16.59 -11.59 15.32
CA GLY B 141 -15.54 -12.53 14.97
C GLY B 141 -14.67 -12.04 13.83
N PHE B 142 -14.37 -10.74 13.84
CA PHE B 142 -13.39 -10.21 12.89
C PHE B 142 -11.96 -10.60 13.28
N ALA B 143 -11.19 -10.98 12.25
CA ALA B 143 -9.74 -11.19 12.29
C ALA B 143 -8.97 -9.89 12.11
N GLY B 144 -7.75 -9.92 12.64
CA GLY B 144 -6.79 -8.84 12.50
C GLY B 144 -7.11 -7.57 13.27
N ALA B 145 -7.68 -7.71 14.47
CA ALA B 145 -7.87 -6.58 15.38
C ALA B 145 -6.77 -6.49 16.47
N SER B 146 -7.16 -6.60 17.76
CA SER B 146 -6.32 -6.17 18.92
C SER B 146 -4.81 -6.48 18.81
N ASN B 150 0.65 -0.94 16.51
CA ASN B 150 1.24 -1.24 15.19
C ASN B 150 1.19 -0.13 14.12
N GLY B 151 0.48 0.97 14.36
CA GLY B 151 0.28 1.96 13.30
C GLY B 151 -0.63 1.51 12.17
N THR B 152 -0.86 2.39 11.21
CA THR B 152 -1.76 2.08 10.12
C THR B 152 -1.01 2.30 8.82
N VAL B 153 -1.59 1.89 7.69
CA VAL B 153 -1.02 2.18 6.43
C VAL B 153 -1.98 3.20 5.85
N SER B 154 -1.52 4.44 5.59
CA SER B 154 -2.45 5.43 5.05
C SER B 154 -2.22 5.66 3.60
N VAL B 155 -3.33 5.77 2.85
CA VAL B 155 -3.25 6.08 1.42
C VAL B 155 -3.77 7.44 1.04
N GLY B 156 -4.22 8.27 2.00
CA GLY B 156 -4.77 9.61 1.67
C GLY B 156 -5.09 10.41 2.94
N LYS B 157 -5.95 11.43 2.87
CA LYS B 157 -6.43 12.13 4.11
C LYS B 157 -7.95 12.18 4.07
N LYS B 158 -8.57 12.57 5.18
CA LYS B 158 -10.01 12.76 5.21
C LYS B 158 -10.42 13.81 4.14
N GLY B 159 -11.32 13.43 3.22
CA GLY B 159 -11.82 14.35 2.23
C GLY B 159 -11.04 14.15 0.96
N LYS B 160 -9.88 13.51 1.06
CA LYS B 160 -9.04 13.28 -0.12
C LYS B 160 -8.56 11.86 -0.13
N GLU B 161 -9.52 10.92 -0.11
CA GLU B 161 -9.20 9.47 -0.04
C GLU B 161 -8.70 8.94 -1.42
N ARG B 162 -8.02 7.79 -1.43
CA ARG B 162 -7.57 7.22 -2.70
C ARG B 162 -8.09 5.80 -2.84
N GLN B 163 -8.65 5.51 -4.02
CA GLN B 163 -8.98 4.15 -4.38
C GLN B 163 -7.72 3.26 -4.42
N ILE B 164 -7.85 2.02 -4.00
CA ILE B 164 -6.76 1.04 -4.20
C ILE B 164 -7.15 0.11 -5.33
N VAL B 165 -6.32 0.00 -6.37
CA VAL B 165 -6.77 -0.67 -7.61
C VAL B 165 -5.92 -1.88 -8.00
N HIS B 166 -6.48 -2.75 -8.84
CA HIS B 166 -5.82 -4.02 -9.19
C HIS B 166 -5.50 -4.90 -7.97
N VAL B 167 -6.45 -4.98 -7.06
CA VAL B 167 -6.39 -5.82 -5.87
C VAL B 167 -6.93 -7.21 -6.18
N GLY B 168 -6.11 -8.22 -5.90
CA GLY B 168 -6.51 -9.63 -6.03
C GLY B 168 -7.63 -10.04 -5.08
N ALA B 169 -8.47 -10.98 -5.53
CA ALA B 169 -9.58 -11.46 -4.70
C ALA B 169 -9.02 -12.01 -3.39
N GLY B 170 -9.58 -11.58 -2.27
CA GLY B 170 -9.05 -12.04 -0.97
C GLY B 170 -9.76 -13.28 -0.53
N GLU B 171 -9.06 -14.08 0.25
CA GLU B 171 -9.69 -15.20 0.91
C GLU B 171 -10.89 -14.73 1.78
N ILE B 172 -11.99 -15.49 1.72
CA ILE B 172 -13.20 -15.18 2.44
C ILE B 172 -13.49 -16.34 3.35
N SER B 173 -13.14 -16.13 4.62
CA SER B 173 -13.20 -17.16 5.67
C SER B 173 -13.20 -16.40 6.99
N ASP B 174 -13.51 -17.10 8.06
CA ASP B 174 -13.69 -16.45 9.33
C ASP B 174 -12.40 -15.96 9.93
N THR B 175 -11.24 -16.28 9.36
CA THR B 175 -10.00 -15.75 9.91
C THR B 175 -9.23 -14.93 8.92
N SER B 176 -9.81 -14.57 7.77
CA SER B 176 -9.01 -13.98 6.73
C SER B 176 -8.69 -12.51 6.94
N THR B 177 -7.44 -12.18 6.74
CA THR B 177 -6.94 -10.82 6.86
C THR B 177 -6.56 -10.31 5.48
N ASP B 178 -7.18 -10.86 4.44
CA ASP B 178 -6.85 -10.42 3.07
C ASP B 178 -7.79 -9.27 2.78
N ALA B 179 -7.35 -8.28 2.01
CA ALA B 179 -8.28 -7.28 1.51
C ALA B 179 -9.30 -7.92 0.59
N VAL B 180 -10.50 -7.31 0.59
CA VAL B 180 -11.65 -7.67 -0.25
C VAL B 180 -11.74 -6.68 -1.45
N ASN B 181 -12.07 -7.17 -2.65
CA ASN B 181 -12.26 -6.25 -3.78
C ASN B 181 -13.72 -6.14 -4.18
N GLY B 182 -14.05 -5.17 -5.04
CA GLY B 182 -15.46 -4.85 -5.32
C GLY B 182 -16.32 -5.99 -5.88
N SER B 183 -15.69 -6.93 -6.57
CA SER B 183 -16.37 -8.07 -7.15
C SER B 183 -16.74 -9.06 -6.06
N GLN B 184 -16.06 -9.01 -4.94
CA GLN B 184 -16.41 -9.90 -3.85
C GLN B 184 -17.62 -9.35 -3.09
N LEU B 185 -17.66 -8.03 -2.89
CA LEU B 185 -18.83 -7.41 -2.33
C LEU B 185 -20.01 -7.52 -3.29
N HIS B 186 -19.75 -7.33 -4.57
CA HIS B 186 -20.79 -7.53 -5.62
C HIS B 186 -21.39 -8.92 -5.54
N ALA B 187 -20.54 -9.95 -5.46
CA ALA B 187 -21.04 -11.31 -5.40
C ALA B 187 -21.95 -11.52 -4.20
N LEU B 188 -21.55 -11.06 -3.01
CA LEU B 188 -22.43 -11.18 -1.86
C LEU B 188 -23.73 -10.35 -2.05
N ALA B 189 -23.62 -9.18 -2.65
CA ALA B 189 -24.77 -8.32 -2.87
C ALA B 189 -25.81 -8.95 -3.79
N THR B 190 -25.38 -9.82 -4.73
CA THR B 190 -26.32 -10.42 -5.69
C THR B 190 -27.26 -11.35 -4.92
N VAL B 191 -26.71 -12.06 -3.95
CA VAL B 191 -27.46 -12.94 -3.08
C VAL B 191 -28.39 -12.15 -2.21
N VAL B 192 -27.91 -11.03 -1.63
CA VAL B 192 -28.78 -10.16 -0.79
C VAL B 192 -29.97 -9.64 -1.58
N ALA B 193 -29.71 -9.13 -2.78
CA ALA B 193 -30.76 -8.74 -3.75
C ALA B 193 -31.76 -9.89 -4.05
N GLN B 194 -31.23 -11.11 -4.12
CA GLN B 194 -32.06 -12.25 -4.40
C GLN B 194 -32.91 -12.55 -3.16
N ASN B 195 -32.31 -12.53 -1.97
CA ASN B 195 -33.10 -12.65 -0.75
C ASN B 195 -34.22 -11.63 -0.64
N LYS B 196 -33.94 -10.40 -1.04
CA LYS B 196 -34.91 -9.37 -0.88
C LYS B 196 -36.12 -9.62 -1.81
N ALA B 197 -35.88 -10.10 -3.04
CA ALA B 197 -36.94 -10.44 -4.00
C ALA B 197 -37.75 -11.63 -3.52
N ASP B 198 -37.05 -12.67 -3.03
CA ASP B 198 -37.69 -13.84 -2.49
C ASP B 198 -38.62 -13.42 -1.37
N ILE B 199 -38.18 -12.47 -0.53
CA ILE B 199 -39.02 -11.94 0.57
C ILE B 199 -40.30 -11.30 0.05
N LYS B 200 -40.16 -10.52 -1.01
CA LYS B 200 -41.31 -9.90 -1.65
C LYS B 200 -42.26 -10.95 -2.27
N ASP B 201 -41.70 -11.98 -2.92
CA ASP B 201 -42.54 -13.01 -3.55
C ASP B 201 -43.34 -13.70 -2.45
N LEU B 202 -42.66 -14.00 -1.35
CA LEU B 202 -43.28 -14.71 -0.22
C LEU B 202 -44.40 -13.85 0.44
N ASP B 203 -44.12 -12.56 0.59
CA ASP B 203 -45.09 -11.58 1.09
C ASP B 203 -46.35 -11.51 0.25
N ASP B 204 -46.17 -11.49 -1.08
CA ASP B 204 -47.31 -11.61 -1.97
C ASP B 204 -48.10 -12.91 -1.70
N GLU B 205 -47.39 -14.02 -1.59
CA GLU B 205 -48.07 -15.27 -1.31
C GLU B 205 -48.83 -15.28 0.03
N VAL B 206 -48.21 -14.85 1.09
CA VAL B 206 -48.92 -14.70 2.38
C VAL B 206 -50.17 -13.77 2.30
N GLY B 207 -50.09 -12.63 1.62
CA GLY B 207 -51.26 -11.80 1.44
C GLY B 207 -52.43 -12.52 0.75
N LEU B 208 -52.15 -13.23 -0.36
CA LEU B 208 -53.18 -13.99 -1.07
C LEU B 208 -53.73 -15.11 -0.16
N LEU B 209 -52.88 -15.77 0.64
CA LEU B 209 -53.38 -16.77 1.53
C LEU B 209 -54.30 -16.12 2.57
N GLY B 210 -53.94 -14.91 3.02
CA GLY B 210 -54.75 -14.16 3.94
C GLY B 210 -56.15 -13.91 3.38
N GLU B 211 -56.24 -13.42 2.15
CA GLU B 211 -57.51 -13.12 1.51
C GLU B 211 -58.37 -14.35 1.44
N GLU B 212 -57.78 -15.47 1.03
CA GLU B 212 -58.49 -16.74 0.91
C GLU B 212 -59.16 -17.18 2.23
N ILE B 213 -58.43 -17.05 3.34
CA ILE B 213 -58.96 -17.34 4.67
C ILE B 213 -60.19 -16.46 4.99
N ASN B 214 -60.09 -15.15 4.67
CA ASN B 214 -61.15 -14.14 4.87
CA ASN B 214 -61.15 -14.20 4.93
C ASN B 214 -62.36 -14.40 3.98
N LYS B 215 -62.12 -14.70 2.70
CA LYS B 215 -63.20 -15.09 1.78
C LYS B 215 -63.95 -16.33 2.27
N HIS B 216 -63.24 -17.34 2.78
CA HIS B 216 -63.90 -18.58 3.21
C HIS B 216 -65.00 -18.39 4.28
N HIS B 217 -64.74 -17.51 5.25
CA HIS B 217 -65.70 -17.19 6.32
C HIS B 217 -67.05 -16.68 5.76
N HIS B 218 -66.98 -15.98 4.63
CA HIS B 218 -68.18 -15.61 3.88
C HIS B 218 -68.58 -16.65 2.80
N HIS B 219 -68.39 -17.93 3.15
CA HIS B 219 -68.95 -19.12 2.47
C HIS B 219 -69.46 -20.02 3.61
N HIS B 220 -69.75 -19.34 4.72
CA HIS B 220 -70.31 -19.87 5.95
C HIS B 220 -71.57 -19.06 6.33
N GLU C 7 39.87 1.07 -12.82
CA GLU C 7 39.17 1.11 -14.15
C GLU C 7 37.95 2.09 -14.11
N ASN C 8 38.24 3.39 -14.21
CA ASN C 8 37.27 4.49 -13.91
C ASN C 8 36.59 4.35 -12.54
N SER C 9 37.29 3.70 -11.62
CA SER C 9 36.80 3.54 -10.25
C SER C 9 37.19 4.74 -9.34
N THR C 10 36.51 4.90 -8.22
CA THR C 10 36.72 6.07 -7.39
C THR C 10 36.45 5.74 -5.94
N VAL C 11 37.46 5.95 -5.10
CA VAL C 11 37.36 6.17 -3.63
C VAL C 11 38.05 7.54 -3.51
N GLY C 12 37.39 8.66 -3.20
CA GLY C 12 36.28 8.87 -2.28
C GLY C 12 37.02 9.54 -1.11
N GLY C 13 37.22 8.76 -0.06
CA GLY C 13 37.92 9.16 1.16
C GLY C 13 37.62 8.01 2.11
N GLY C 14 37.86 8.21 3.40
CA GLY C 14 37.64 7.17 4.42
C GLY C 14 38.72 6.11 4.41
N GLY C 15 38.46 4.98 5.08
CA GLY C 15 39.48 3.92 5.19
C GLY C 15 38.94 2.56 4.79
N TYR C 16 39.83 1.69 4.32
CA TYR C 16 39.53 0.32 3.87
C TYR C 16 38.34 0.26 2.90
N ASN C 17 38.19 1.34 2.12
CA ASN C 17 37.20 1.37 1.06
C ASN C 17 37.81 0.82 -0.21
N GLN C 18 37.00 0.10 -0.99
CA GLN C 18 37.50 -0.52 -2.20
C GLN C 18 36.50 -0.32 -3.30
N ALA C 19 36.93 0.22 -4.43
CA ALA C 19 36.04 0.35 -5.59
C ALA C 19 36.62 -0.59 -6.66
N LYS C 20 36.42 -1.90 -6.48
CA LYS C 20 37.01 -2.94 -7.35
C LYS C 20 36.33 -3.14 -8.70
N GLY C 21 35.07 -2.72 -8.82
CA GLY C 21 34.31 -2.89 -10.06
C GLY C 21 34.61 -1.78 -11.04
N ARG C 22 34.54 -2.11 -12.32
CA ARG C 22 34.64 -1.10 -13.38
C ARG C 22 33.52 -0.03 -13.25
N ASN C 23 33.89 1.25 -13.32
CA ASN C 23 33.00 2.40 -13.03
C ASN C 23 32.41 2.43 -11.62
N SER C 24 32.98 1.66 -10.69
CA SER C 24 32.39 1.65 -9.34
C SER C 24 32.86 2.89 -8.55
N THR C 25 32.08 3.23 -7.53
CA THR C 25 32.29 4.39 -6.73
C THR C 25 32.03 4.02 -5.27
N VAL C 26 32.96 4.37 -4.39
CA VAL C 26 32.66 4.50 -2.96
C VAL C 26 32.96 5.93 -2.56
N ALA C 27 31.96 6.71 -2.19
CA ALA C 27 32.22 8.12 -1.96
C ALA C 27 32.96 8.36 -0.66
N GLY C 28 32.92 7.42 0.28
CA GLY C 28 33.61 7.57 1.55
C GLY C 28 33.08 6.54 2.54
N GLY C 29 33.32 6.80 3.85
CA GLY C 29 32.89 5.91 4.92
C GLY C 29 34.01 4.94 5.24
N TYR C 30 33.65 3.84 5.86
CA TYR C 30 34.66 2.92 6.35
C TYR C 30 34.30 1.49 5.97
N ASN C 31 35.28 0.74 5.49
CA ASN C 31 35.06 -0.67 5.14
C ASN C 31 33.91 -0.91 4.13
N ASN C 32 33.81 -0.02 3.16
CA ASN C 32 32.90 -0.22 2.05
C ASN C 32 33.58 -0.91 0.84
N GLU C 33 32.94 -1.91 0.27
CA GLU C 33 33.45 -2.64 -0.86
C GLU C 33 32.47 -2.63 -2.03
N ALA C 34 32.79 -1.91 -3.09
CA ALA C 34 31.90 -1.88 -4.27
C ALA C 34 32.48 -2.68 -5.46
N THR C 35 31.92 -3.84 -5.68
CA THR C 35 32.56 -4.84 -6.53
C THR C 35 31.93 -4.98 -7.91
N GLY C 36 30.66 -4.59 -8.04
CA GLY C 36 29.97 -4.71 -9.31
C GLY C 36 30.33 -3.63 -10.29
N THR C 37 30.19 -3.94 -11.57
CA THR C 37 30.28 -2.94 -12.59
C THR C 37 29.27 -1.83 -12.33
N ASP C 38 29.66 -0.56 -12.45
CA ASP C 38 28.70 0.54 -12.21
C ASP C 38 28.07 0.48 -10.77
N SER C 39 28.74 -0.15 -9.81
CA SER C 39 28.16 -0.17 -8.46
C SER C 39 28.48 1.12 -7.69
N THR C 40 27.70 1.39 -6.65
CA THR C 40 27.88 2.64 -5.93
C THR C 40 27.63 2.47 -4.45
N ILE C 41 28.55 2.97 -3.64
CA ILE C 41 28.26 3.12 -2.20
C ILE C 41 28.46 4.57 -1.87
N ALA C 42 27.39 5.19 -1.37
CA ALA C 42 27.35 6.61 -1.11
C ALA C 42 28.16 6.87 0.19
N GLY C 43 28.23 5.87 1.07
CA GLY C 43 28.88 6.11 2.37
C GLY C 43 28.37 5.19 3.45
N GLY C 44 28.79 5.43 4.68
CA GLY C 44 28.44 4.59 5.79
C GLY C 44 29.56 3.63 6.07
N ARG C 45 29.21 2.42 6.50
CA ARG C 45 30.17 1.53 7.10
C ARG C 45 29.76 0.10 6.75
N LYS C 46 30.73 -0.75 6.41
CA LYS C 46 30.55 -2.19 6.24
C LYS C 46 29.53 -2.54 5.14
N ASN C 47 29.41 -1.68 4.12
CA ASN C 47 28.51 -1.96 3.01
C ASN C 47 29.21 -2.75 1.89
N GLN C 48 28.41 -3.51 1.15
CA GLN C 48 28.85 -4.21 -0.05
C GLN C 48 27.93 -3.88 -1.20
N ALA C 49 28.49 -3.86 -2.40
CA ALA C 49 27.67 -3.76 -3.56
C ALA C 49 28.28 -4.60 -4.69
N THR C 50 27.95 -5.87 -4.69
CA THR C 50 28.43 -6.77 -5.70
C THR C 50 27.63 -6.77 -7.01
N GLY C 51 26.41 -6.23 -7.04
CA GLY C 51 25.62 -6.29 -8.28
C GLY C 51 25.95 -5.23 -9.32
N LYS C 52 25.73 -5.53 -10.59
CA LYS C 52 25.81 -4.48 -11.60
C LYS C 52 24.78 -3.38 -11.32
N GLY C 53 25.24 -2.12 -11.36
CA GLY C 53 24.42 -0.93 -11.19
C GLY C 53 23.72 -0.83 -9.86
N SER C 54 24.31 -1.45 -8.84
CA SER C 54 23.71 -1.50 -7.54
C SER C 54 24.03 -0.23 -6.70
N PHE C 55 23.36 -0.08 -5.57
CA PHE C 55 23.52 1.13 -4.77
C PHE C 55 23.23 0.77 -3.32
N ALA C 56 24.17 1.12 -2.43
CA ALA C 56 23.96 0.93 -1.01
C ALA C 56 24.37 2.21 -0.32
N ALA C 57 23.70 2.55 0.80
CA ALA C 57 24.24 3.55 1.73
C ALA C 57 23.79 3.19 3.15
N GLY C 58 24.60 3.49 4.16
CA GLY C 58 24.19 3.39 5.58
C GLY C 58 25.08 2.36 6.23
N ILE C 59 24.52 1.50 7.07
CA ILE C 59 25.38 0.55 7.76
C ILE C 59 25.06 -0.89 7.41
N ASP C 60 26.06 -1.61 6.94
CA ASP C 60 25.97 -3.08 6.85
C ASP C 60 24.97 -3.63 5.81
N ASN C 61 24.88 -2.94 4.69
CA ASN C 61 24.01 -3.34 3.59
C ASN C 61 24.74 -4.15 2.55
N LYS C 62 23.97 -4.99 1.85
CA LYS C 62 24.46 -5.75 0.75
C LYS C 62 23.58 -5.49 -0.43
N ALA C 63 24.11 -4.80 -1.42
CA ALA C 63 23.40 -4.54 -2.62
C ALA C 63 24.06 -5.47 -3.64
N ASN C 64 23.80 -6.76 -3.42
CA ASN C 64 24.47 -7.86 -4.08
C ASN C 64 23.71 -8.62 -5.16
N ALA C 65 23.00 -7.91 -6.01
CA ALA C 65 22.38 -8.53 -7.21
C ALA C 65 22.15 -7.41 -8.19
N ASP C 66 21.96 -7.73 -9.46
CA ASP C 66 21.88 -6.64 -10.42
C ASP C 66 20.81 -5.60 -10.05
N ASN C 67 21.15 -4.33 -10.19
CA ASN C 67 20.24 -3.20 -9.89
C ASN C 67 19.68 -3.13 -8.45
N ALA C 68 20.24 -3.93 -7.53
CA ALA C 68 19.87 -3.86 -6.11
C ALA C 68 19.98 -2.45 -5.51
N VAL C 69 18.97 -2.06 -4.73
CA VAL C 69 18.99 -0.84 -3.96
C VAL C 69 18.84 -1.30 -2.50
N ALA C 70 19.81 -0.95 -1.66
CA ALA C 70 19.80 -1.37 -0.26
C ALA C 70 20.19 -0.13 0.57
N LEU C 71 19.22 0.47 1.24
CA LEU C 71 19.43 1.80 1.77
C LEU C 71 18.94 1.82 3.22
N GLY C 72 19.88 2.03 4.15
CA GLY C 72 19.57 2.12 5.58
C GLY C 72 20.50 1.21 6.35
N ASN C 73 19.96 0.42 7.28
CA ASN C 73 20.76 -0.49 8.08
C ASN C 73 20.43 -1.98 7.87
N LYS C 74 21.43 -2.77 7.48
CA LYS C 74 21.24 -4.24 7.41
C LYS C 74 20.16 -4.66 6.41
N ASN C 75 20.14 -3.99 5.26
CA ASN C 75 19.40 -4.45 4.09
C ASN C 75 20.26 -5.38 3.22
N THR C 76 19.85 -6.64 3.06
CA THR C 76 20.58 -7.61 2.23
C THR C 76 19.81 -7.94 0.94
N ILE C 77 20.38 -7.61 -0.20
CA ILE C 77 19.69 -7.97 -1.44
C ILE C 77 20.51 -8.92 -2.32
N GLU C 78 20.01 -10.13 -2.55
CA GLU C 78 20.73 -11.11 -3.33
C GLU C 78 19.84 -11.67 -4.44
N GLY C 79 18.67 -11.08 -4.67
CA GLY C 79 17.81 -11.45 -5.83
C GLY C 79 17.74 -10.24 -6.74
N GLU C 80 17.65 -10.47 -8.06
CA GLU C 80 17.69 -9.37 -9.03
C GLU C 80 16.52 -8.39 -8.92
N ASN C 81 16.79 -7.16 -9.37
CA ASN C 81 15.77 -6.13 -9.50
C ASN C 81 14.96 -5.95 -8.18
N SER C 82 15.61 -6.13 -7.03
CA SER C 82 14.94 -5.97 -5.77
C SER C 82 15.42 -4.71 -5.09
N VAL C 83 14.62 -4.25 -4.14
CA VAL C 83 14.86 -3.02 -3.40
C VAL C 83 14.57 -3.30 -1.92
N ALA C 84 15.45 -2.85 -1.02
CA ALA C 84 15.08 -2.78 0.39
C ALA C 84 15.50 -1.46 1.04
N ILE C 85 14.54 -0.73 1.61
CA ILE C 85 14.85 0.49 2.25
C ILE C 85 14.29 0.45 3.67
N GLY C 86 15.14 0.78 4.65
CA GLY C 86 14.74 0.73 6.09
C GLY C 86 15.84 0.02 6.86
N SER C 87 15.49 -0.98 7.66
CA SER C 87 16.48 -1.75 8.40
C SER C 87 16.09 -3.18 8.60
N ASN C 88 17.10 -4.05 8.72
CA ASN C 88 16.90 -5.50 8.85
C ASN C 88 15.94 -6.11 7.82
N ASN C 89 16.35 -6.16 6.56
CA ASN C 89 15.53 -6.74 5.52
C ASN C 89 16.47 -7.59 4.68
N THR C 90 15.94 -8.67 4.13
CA THR C 90 16.71 -9.61 3.34
C THR C 90 15.86 -10.10 2.18
N VAL C 91 16.46 -10.15 0.97
CA VAL C 91 15.90 -10.81 -0.23
C VAL C 91 16.99 -11.77 -0.72
N LYS C 92 16.67 -13.06 -0.81
CA LYS C 92 17.66 -14.08 -1.10
C LYS C 92 17.79 -14.28 -2.59
N LYS C 93 18.93 -14.83 -3.02
CA LYS C 93 19.08 -15.37 -4.36
C LYS C 93 17.82 -16.15 -4.73
N GLY C 94 17.24 -15.83 -5.88
CA GLY C 94 16.02 -16.54 -6.34
C GLY C 94 14.67 -15.92 -5.92
N GLN C 95 14.69 -14.75 -5.27
CA GLN C 95 13.52 -13.95 -5.09
C GLN C 95 13.79 -12.66 -5.88
N GLN C 96 13.06 -12.49 -6.95
CA GLN C 96 13.29 -11.41 -7.89
C GLN C 96 12.19 -10.41 -7.81
N ASN C 97 12.51 -9.13 -8.01
CA ASN C 97 11.48 -8.08 -8.05
C ASN C 97 10.68 -7.92 -6.78
N VAL C 98 11.39 -7.98 -5.66
CA VAL C 98 10.74 -7.82 -4.37
C VAL C 98 11.07 -6.44 -3.86
N PHE C 99 10.08 -5.71 -3.35
CA PHE C 99 10.27 -4.32 -2.92
C PHE C 99 9.89 -4.20 -1.49
N ILE C 100 10.84 -3.73 -0.66
CA ILE C 100 10.61 -3.58 0.78
C ILE C 100 10.77 -2.16 1.24
N LEU C 101 9.73 -1.57 1.82
CA LEU C 101 9.91 -0.32 2.54
C LEU C 101 9.41 -0.58 3.94
N GLY C 102 10.33 -0.82 4.85
CA GLY C 102 9.97 -1.49 6.08
C GLY C 102 11.19 -1.80 6.91
N SER C 103 10.98 -2.47 8.04
CA SER C 103 12.05 -2.91 8.92
C SER C 103 11.67 -4.25 9.55
N ASN C 104 12.69 -5.05 9.89
CA ASN C 104 12.51 -6.32 10.56
C ASN C 104 11.48 -7.19 9.88
N THR C 105 11.58 -7.32 8.56
CA THR C 105 10.59 -8.08 7.83
C THR C 105 11.00 -9.57 7.72
N ASP C 106 10.13 -10.34 7.06
CA ASP C 106 10.29 -11.79 6.92
C ASP C 106 9.87 -12.07 5.48
N THR C 107 10.86 -12.47 4.69
CA THR C 107 10.64 -12.76 3.28
C THR C 107 10.67 -14.26 2.98
N THR C 108 10.62 -15.09 4.03
CA THR C 108 10.59 -16.57 3.90
C THR C 108 9.57 -17.05 2.89
N ASN C 109 8.38 -16.46 2.95
CA ASN C 109 7.28 -16.88 2.11
C ASN C 109 6.97 -15.89 1.00
N ALA C 110 7.78 -14.83 0.89
CA ALA C 110 7.57 -13.87 -0.16
C ALA C 110 7.90 -14.49 -1.52
N GLN C 111 6.95 -14.45 -2.46
CA GLN C 111 7.24 -14.82 -3.85
C GLN C 111 7.75 -13.63 -4.66
N ASN C 112 8.33 -13.95 -5.80
CA ASN C 112 8.69 -12.94 -6.81
C ASN C 112 7.60 -11.88 -6.99
N GLY C 113 8.00 -10.63 -7.13
CA GLY C 113 6.99 -9.58 -7.40
C GLY C 113 6.28 -9.07 -6.14
N SER C 114 6.70 -9.50 -4.98
CA SER C 114 5.87 -9.21 -3.84
C SER C 114 6.36 -7.89 -3.21
N VAL C 115 5.47 -7.16 -2.51
CA VAL C 115 5.81 -5.88 -1.89
C VAL C 115 5.53 -5.97 -0.37
N LEU C 116 6.50 -5.58 0.47
CA LEU C 116 6.35 -5.56 1.93
C LEU C 116 6.44 -4.13 2.43
N LEU C 117 5.42 -3.69 3.18
CA LEU C 117 5.43 -2.36 3.76
C LEU C 117 5.42 -2.39 5.29
N GLY C 118 6.31 -1.61 5.91
CA GLY C 118 6.24 -1.37 7.37
C GLY C 118 7.06 -2.30 8.24
N HIS C 119 7.04 -2.02 9.54
CA HIS C 119 7.80 -2.74 10.57
CA HIS C 119 7.80 -2.74 10.59
C HIS C 119 7.15 -4.09 10.94
N ASN C 120 7.99 -5.11 11.09
CA ASN C 120 7.52 -6.48 11.38
C ASN C 120 6.62 -7.07 10.24
N THR C 121 6.78 -6.65 9.01
CA THR C 121 5.89 -7.11 7.96
C THR C 121 6.38 -8.46 7.38
N ALA C 122 5.46 -9.41 7.19
CA ALA C 122 5.76 -10.68 6.54
C ALA C 122 5.24 -10.87 5.09
N GLY C 123 6.08 -11.44 4.23
CA GLY C 123 5.68 -11.87 2.93
C GLY C 123 4.76 -13.07 3.08
N LYS C 124 3.92 -13.26 2.04
CA LYS C 124 2.90 -14.33 2.01
C LYS C 124 2.65 -14.76 0.55
N ALA C 125 2.56 -16.07 0.33
CA ALA C 125 2.32 -16.63 -1.01
C ALA C 125 0.93 -16.22 -1.52
N ALA C 126 0.83 -15.81 -2.79
CA ALA C 126 -0.48 -15.59 -3.45
C ALA C 126 -1.38 -16.83 -3.39
N THR C 127 -2.66 -16.63 -3.13
CA THR C 127 -3.63 -17.72 -3.31
C THR C 127 -4.60 -17.34 -4.43
N ILE C 128 -5.15 -18.37 -5.09
CA ILE C 128 -6.15 -18.22 -6.13
C ILE C 128 -7.53 -18.32 -5.49
N VAL C 129 -8.27 -17.21 -5.48
CA VAL C 129 -9.61 -17.18 -4.90
C VAL C 129 -10.65 -16.80 -5.95
N ASN C 130 -11.21 -17.80 -6.61
CA ASN C 130 -12.26 -17.57 -7.59
CA ASN C 130 -12.26 -17.67 -7.61
C ASN C 130 -13.66 -17.62 -6.96
N SER C 131 -13.79 -18.29 -5.81
CA SER C 131 -15.10 -18.45 -5.17
C SER C 131 -14.96 -18.67 -3.67
N ALA C 132 -16.08 -18.83 -2.95
CA ALA C 132 -16.03 -19.07 -1.51
C ALA C 132 -17.33 -19.72 -1.10
N GLU C 133 -17.27 -20.52 -0.05
CA GLU C 133 -18.44 -21.20 0.45
C GLU C 133 -18.56 -20.80 1.90
N VAL C 134 -19.70 -20.22 2.27
CA VAL C 134 -19.92 -19.69 3.60
C VAL C 134 -21.15 -20.40 4.17
N GLY C 135 -20.93 -21.40 5.03
CA GLY C 135 -22.04 -22.18 5.57
C GLY C 135 -23.24 -22.54 4.68
N GLY C 136 -22.95 -23.13 3.51
CA GLY C 136 -24.03 -23.59 2.60
C GLY C 136 -24.36 -22.57 1.53
N LEU C 137 -23.76 -21.40 1.64
CA LEU C 137 -23.94 -20.40 0.61
C LEU C 137 -22.68 -20.35 -0.28
N SER C 138 -22.86 -20.43 -1.60
CA SER C 138 -21.74 -20.24 -2.53
C SER C 138 -21.65 -18.82 -3.06
N LEU C 139 -20.45 -18.28 -3.05
CA LEU C 139 -20.18 -16.98 -3.71
C LEU C 139 -19.22 -17.23 -4.88
N THR C 140 -19.59 -16.85 -6.10
CA THR C 140 -18.72 -17.15 -7.25
C THR C 140 -18.47 -15.89 -8.06
N GLY C 141 -17.61 -16.00 -9.07
CA GLY C 141 -17.46 -14.95 -10.05
C GLY C 141 -16.55 -13.85 -9.59
N PHE C 142 -15.60 -14.17 -8.72
CA PHE C 142 -14.63 -13.18 -8.24
C PHE C 142 -13.63 -12.82 -9.38
N ALA C 143 -13.44 -11.50 -9.55
CA ALA C 143 -12.37 -10.86 -10.33
C ALA C 143 -11.01 -10.86 -9.60
N GLY C 144 -9.94 -10.80 -10.39
CA GLY C 144 -8.58 -10.65 -9.91
C GLY C 144 -7.96 -11.87 -9.27
N ALA C 145 -8.19 -13.05 -9.84
CA ALA C 145 -7.76 -14.31 -9.25
C ALA C 145 -6.77 -15.10 -10.10
N SER C 146 -5.47 -14.89 -9.84
CA SER C 146 -4.41 -15.76 -10.37
C SER C 146 -3.02 -15.34 -9.88
N ASN C 150 1.43 -12.01 -9.78
CA ASN C 150 2.20 -12.92 -8.94
C ASN C 150 2.85 -12.19 -7.76
N GLY C 151 2.83 -12.81 -6.58
CA GLY C 151 3.28 -12.15 -5.37
C GLY C 151 2.13 -11.47 -4.66
N THR C 152 2.38 -10.94 -3.47
CA THR C 152 1.34 -10.23 -2.72
C THR C 152 1.89 -8.93 -2.23
N VAL C 153 1.00 -8.03 -1.83
CA VAL C 153 1.41 -6.80 -1.19
C VAL C 153 1.07 -6.96 0.27
N SER C 154 2.10 -6.87 1.12
CA SER C 154 1.86 -7.15 2.60
C SER C 154 2.00 -5.93 3.44
N VAL C 155 1.06 -5.80 4.35
CA VAL C 155 1.10 -4.66 5.28
C VAL C 155 1.35 -5.03 6.72
N GLY C 156 1.62 -6.29 7.04
CA GLY C 156 1.82 -6.61 8.49
C GLY C 156 2.28 -8.04 8.62
N LYS C 157 2.06 -8.69 9.77
CA LYS C 157 2.24 -10.18 9.88
C LYS C 157 1.05 -10.79 10.62
N LYS C 158 1.03 -12.13 10.77
CA LYS C 158 -0.02 -12.76 11.57
C LYS C 158 0.06 -12.32 13.06
N GLY C 159 -1.01 -11.71 13.58
CA GLY C 159 -1.02 -11.18 14.93
C GLY C 159 -0.71 -9.68 14.98
N LYS C 160 -0.16 -9.12 13.89
CA LYS C 160 0.22 -7.71 13.89
C LYS C 160 -0.26 -7.12 12.60
N GLU C 161 -1.55 -7.33 12.31
CA GLU C 161 -2.16 -6.80 11.09
C GLU C 161 -2.25 -5.27 11.18
N ARG C 162 -2.29 -4.61 10.03
CA ARG C 162 -2.43 -3.15 10.01
C ARG C 162 -3.67 -2.79 9.22
N GLN C 163 -4.47 -1.89 9.80
CA GLN C 163 -5.55 -1.29 9.09
C GLN C 163 -5.06 -0.46 7.91
N ILE C 164 -5.75 -0.51 6.78
CA ILE C 164 -5.46 0.45 5.68
C ILE C 164 -6.48 1.61 5.75
N VAL C 165 -6.04 2.86 5.70
CA VAL C 165 -6.97 3.97 6.02
C VAL C 165 -7.02 5.04 4.96
N HIS C 166 -8.10 5.81 4.91
CA HIS C 166 -8.34 6.80 3.85
C HIS C 166 -8.36 6.18 2.44
N VAL C 167 -9.01 4.99 2.38
CA VAL C 167 -9.28 4.28 1.16
C VAL C 167 -10.58 4.84 0.51
N GLY C 168 -10.47 5.26 -0.76
CA GLY C 168 -11.64 5.69 -1.55
C GLY C 168 -12.56 4.52 -1.85
N ALA C 169 -13.84 4.86 -2.00
CA ALA C 169 -14.87 3.88 -2.33
C ALA C 169 -14.50 3.16 -3.63
N GLY C 170 -14.51 1.83 -3.57
CA GLY C 170 -14.25 1.02 -4.76
C GLY C 170 -15.46 0.81 -5.65
N GLU C 171 -15.22 0.66 -6.93
CA GLU C 171 -16.27 0.26 -7.82
C GLU C 171 -16.89 -1.10 -7.39
N ILE C 172 -18.22 -1.18 -7.42
CA ILE C 172 -18.94 -2.38 -7.00
C ILE C 172 -19.62 -2.98 -8.23
N SER C 173 -18.94 -3.92 -8.88
CA SER C 173 -19.42 -4.53 -10.12
C SER C 173 -18.84 -5.94 -10.17
N ASP C 174 -19.33 -6.76 -11.08
CA ASP C 174 -18.91 -8.14 -11.21
C ASP C 174 -17.46 -8.33 -11.61
N THR C 175 -16.79 -7.27 -12.13
CA THR C 175 -15.38 -7.35 -12.55
C THR C 175 -14.42 -6.48 -11.72
N SER C 176 -14.88 -5.86 -10.64
CA SER C 176 -14.09 -4.81 -10.02
C SER C 176 -13.02 -5.38 -9.16
N THR C 177 -11.82 -4.80 -9.30
CA THR C 177 -10.67 -5.21 -8.53
C THR C 177 -10.27 -4.05 -7.68
N ASP C 178 -11.21 -3.18 -7.39
CA ASP C 178 -10.95 -2.05 -6.53
C ASP C 178 -11.12 -2.56 -5.09
N ALA C 179 -10.31 -2.07 -4.17
CA ALA C 179 -10.59 -2.35 -2.75
C ALA C 179 -11.86 -1.67 -2.27
N VAL C 180 -12.44 -2.28 -1.24
CA VAL C 180 -13.74 -1.92 -0.65
C VAL C 180 -13.47 -1.32 0.74
N ASN C 181 -14.18 -0.25 1.07
CA ASN C 181 -14.00 0.36 2.38
C ASN C 181 -15.18 0.06 3.29
N GLY C 182 -15.05 0.35 4.59
CA GLY C 182 -16.07 -0.01 5.57
C GLY C 182 -17.49 0.48 5.31
N SER C 183 -17.62 1.63 4.65
CA SER C 183 -18.91 2.25 4.36
C SER C 183 -19.62 1.46 3.27
N GLN C 184 -18.85 0.78 2.43
CA GLN C 184 -19.47 -0.01 1.39
C GLN C 184 -20.01 -1.31 1.99
N LEU C 185 -19.26 -1.89 2.94
CA LEU C 185 -19.74 -3.04 3.62
C LEU C 185 -20.94 -2.65 4.50
N HIS C 186 -20.86 -1.50 5.16
CA HIS C 186 -21.96 -0.99 5.97
C HIS C 186 -23.20 -0.82 5.13
N ALA C 187 -23.07 -0.20 3.94
CA ALA C 187 -24.22 -0.02 3.04
C ALA C 187 -24.88 -1.33 2.69
N LEU C 188 -24.10 -2.36 2.34
CA LEU C 188 -24.71 -3.67 2.11
C LEU C 188 -25.38 -4.28 3.36
N ALA C 189 -24.76 -4.06 4.53
CA ALA C 189 -25.22 -4.65 5.76
C ALA C 189 -26.50 -4.06 6.25
N THR C 190 -26.77 -2.78 5.91
CA THR C 190 -28.05 -2.14 6.22
C THR C 190 -29.22 -2.85 5.51
N VAL C 191 -29.02 -3.23 4.27
CA VAL C 191 -30.01 -3.97 3.52
C VAL C 191 -30.17 -5.36 4.08
N VAL C 192 -29.05 -6.00 4.47
CA VAL C 192 -29.12 -7.37 5.07
C VAL C 192 -29.94 -7.35 6.36
N ALA C 193 -29.63 -6.40 7.24
CA ALA C 193 -30.40 -6.12 8.48
C ALA C 193 -31.91 -5.87 8.19
N GLN C 194 -32.18 -5.16 7.10
CA GLN C 194 -33.55 -4.89 6.75
C GLN C 194 -34.20 -6.19 6.24
N ASN C 195 -33.51 -6.98 5.41
CA ASN C 195 -34.06 -8.28 5.01
C ASN C 195 -34.39 -9.13 6.25
N LYS C 196 -33.55 -9.04 7.26
CA LYS C 196 -33.72 -9.92 8.38
C LYS C 196 -34.99 -9.54 9.20
N ALA C 197 -35.25 -8.22 9.35
CA ALA C 197 -36.43 -7.72 10.02
C ALA C 197 -37.66 -8.03 9.20
N ASP C 198 -37.59 -7.83 7.88
CA ASP C 198 -38.68 -8.21 7.01
C ASP C 198 -39.05 -9.70 7.22
N ILE C 199 -38.03 -10.54 7.36
CA ILE C 199 -38.27 -11.99 7.55
C ILE C 199 -39.05 -12.25 8.87
N LYS C 200 -38.65 -11.54 9.91
CA LYS C 200 -39.34 -11.59 11.18
C LYS C 200 -40.80 -11.09 11.04
N ASP C 201 -41.01 -10.01 10.32
CA ASP C 201 -42.36 -9.45 10.23
C ASP C 201 -43.25 -10.47 9.52
N LEU C 202 -42.74 -11.01 8.44
CA LEU C 202 -43.44 -12.05 7.67
C LEU C 202 -43.76 -13.28 8.50
N ASP C 203 -42.75 -13.75 9.23
CA ASP C 203 -42.89 -14.90 10.15
C ASP C 203 -44.03 -14.71 11.17
N ASP C 204 -44.08 -13.51 11.78
CA ASP C 204 -45.21 -13.12 12.63
C ASP C 204 -46.53 -13.23 11.86
N GLU C 205 -46.56 -12.69 10.65
CA GLU C 205 -47.78 -12.76 9.86
C GLU C 205 -48.22 -14.20 9.57
N VAL C 206 -47.32 -15.01 9.05
CA VAL C 206 -47.59 -16.45 8.87
C VAL C 206 -48.10 -17.16 10.14
N GLY C 207 -47.44 -16.95 11.28
CA GLY C 207 -47.95 -17.45 12.57
C GLY C 207 -49.42 -17.11 12.84
N LEU C 208 -49.76 -15.81 12.75
CA LEU C 208 -51.13 -15.36 12.92
C LEU C 208 -52.06 -16.03 11.92
N LEU C 209 -51.67 -16.13 10.64
CA LEU C 209 -52.49 -16.82 9.66
C LEU C 209 -52.70 -18.28 10.05
N GLY C 210 -51.68 -18.96 10.57
CA GLY C 210 -51.87 -20.28 11.14
C GLY C 210 -52.90 -20.35 12.27
N GLU C 211 -52.96 -19.35 13.12
CA GLU C 211 -53.94 -19.32 14.18
C GLU C 211 -55.32 -19.23 13.61
N GLU C 212 -55.53 -18.37 12.60
CA GLU C 212 -56.85 -18.23 11.95
C GLU C 212 -57.35 -19.58 11.42
N ILE C 213 -56.49 -20.27 10.66
CA ILE C 213 -56.85 -21.57 10.11
C ILE C 213 -57.27 -22.52 11.25
N ASN C 214 -56.46 -22.62 12.30
CA ASN C 214 -56.68 -23.59 13.38
C ASN C 214 -57.96 -23.27 14.14
N LYS C 215 -58.15 -21.99 14.46
CA LYS C 215 -59.39 -21.50 15.06
C LYS C 215 -60.58 -21.86 14.16
N HIS C 216 -60.59 -21.45 12.88
CA HIS C 216 -61.74 -21.75 12.00
C HIS C 216 -62.35 -23.16 12.15
N HIS C 217 -61.55 -24.22 12.09
CA HIS C 217 -62.02 -25.61 12.25
C HIS C 217 -62.91 -25.83 13.50
N HIS C 218 -62.64 -25.10 14.57
CA HIS C 218 -63.49 -25.10 15.75
C HIS C 218 -64.57 -23.98 15.73
N HIS C 219 -65.11 -23.72 14.53
CA HIS C 219 -66.33 -22.92 14.26
C HIS C 219 -67.06 -23.73 13.17
N HIS C 220 -66.91 -25.06 13.31
CA HIS C 220 -67.49 -26.09 12.48
C HIS C 220 -68.11 -27.16 13.39
#